data_3VKX
#
_entry.id   3VKX
#
_cell.length_a   143.107
_cell.length_b   143.107
_cell.length_c   143.107
_cell.angle_alpha   90.00
_cell.angle_beta   90.00
_cell.angle_gamma   90.00
#
_symmetry.space_group_name_H-M   'I 21 3'
#
loop_
_entity.id
_entity.type
_entity.pdbx_description
1 polymer 'Proliferating cell nuclear antigen'
2 non-polymer "3,5,3'TRIIODOTHYRONINE"
3 non-polymer 'SULFATE ION'
4 non-polymer 'CHLORIDE ION'
5 water water
#
_entity_poly.entity_id   1
_entity_poly.type   'polypeptide(L)'
_entity_poly.pdbx_seq_one_letter_code
;MFEARLVQGSILKKVLEALKDLINEACWDISSSGVNLQSMDSSHVSLVQLTLRSEGFDTYRCDRNLAMGVNLTSMSKILK
CAGNEDIITLRAEDNADTLALVFEAPNQEKVSDYEMKLMDLDVEQLGIPEQEYSCVVKMPSGEFARICRDLSHIGDAVVI
SCAKDGVKFSASGELGNGNIKLSQTSNVDKEEEAVTIEMNEPVQLTFALRYLNFFTKATPLSSTVTLSMSADVPLVVEYK
IADMGHLKYYLAPKIEDEEGS
;
_entity_poly.pdbx_strand_id   A
#
loop_
_chem_comp.id
_chem_comp.type
_chem_comp.name
_chem_comp.formula
CL non-polymer 'CHLORIDE ION' 'Cl -1'
SO4 non-polymer 'SULFATE ION' 'O4 S -2'
T3 non-polymer 3,5,3'TRIIODOTHYRONINE 'C15 H12 I3 N O4'
#
# COMPACT_ATOMS: atom_id res chain seq x y z
N MET A 1 -11.55 -4.80 -23.39
CA MET A 1 -12.79 -4.14 -22.89
C MET A 1 -12.92 -4.39 -21.40
N PHE A 2 -11.94 -3.86 -20.66
CA PHE A 2 -11.85 -3.94 -19.19
C PHE A 2 -13.04 -3.32 -18.46
N GLU A 3 -13.56 -4.03 -17.48
CA GLU A 3 -14.60 -3.54 -16.60
C GLU A 3 -14.56 -4.29 -15.30
N ALA A 4 -14.74 -3.56 -14.19
CA ALA A 4 -14.59 -4.12 -12.86
C ALA A 4 -15.52 -3.38 -11.92
N ARG A 5 -16.37 -4.12 -11.21
CA ARG A 5 -17.35 -3.54 -10.30
C ARG A 5 -17.01 -3.97 -8.89
N LEU A 6 -16.92 -2.99 -8.00
CA LEU A 6 -16.51 -3.21 -6.62
C LEU A 6 -17.57 -2.59 -5.74
N VAL A 7 -18.39 -3.44 -5.13
CA VAL A 7 -19.49 -3.00 -4.28
C VAL A 7 -18.94 -2.26 -3.06
N GLN A 8 -17.89 -2.82 -2.45
CA GLN A 8 -17.16 -2.09 -1.41
C GLN A 8 -16.15 -1.12 -2.10
N GLY A 9 -16.69 -0.04 -2.63
CA GLY A 9 -15.89 0.97 -3.34
C GLY A 9 -14.89 1.73 -2.48
N SER A 10 -15.16 1.90 -1.20
CA SER A 10 -14.23 2.56 -0.26
C SER A 10 -12.80 1.96 -0.21
N ILE A 11 -12.66 0.72 -0.65
CA ILE A 11 -11.35 0.10 -0.76
C ILE A 11 -10.50 0.89 -1.74
N LEU A 12 -11.07 1.25 -2.89
CA LEU A 12 -10.37 2.06 -3.88
C LEU A 12 -10.03 3.43 -3.34
N LYS A 13 -10.96 4.05 -2.61
CA LYS A 13 -10.70 5.36 -1.97
C LYS A 13 -9.45 5.30 -1.07
N LYS A 14 -9.36 4.23 -0.28
CA LYS A 14 -8.28 4.08 0.68
C LYS A 14 -6.99 3.74 -0.03
N VAL A 15 -7.04 2.87 -1.03
CA VAL A 15 -5.89 2.61 -1.88
C VAL A 15 -5.27 3.89 -2.46
N LEU A 16 -6.07 4.79 -3.00
CA LEU A 16 -5.53 6.02 -3.57
C LEU A 16 -5.00 6.97 -2.49
N GLU A 17 -5.66 7.02 -1.37
CA GLU A 17 -5.19 7.83 -0.26
C GLU A 17 -3.84 7.31 0.28
N ALA A 18 -3.55 6.02 0.07
CA ALA A 18 -2.31 5.39 0.52
C ALA A 18 -1.23 5.37 -0.56
N LEU A 19 -1.53 5.92 -1.73
CA LEU A 19 -0.54 5.99 -2.79
C LEU A 19 -0.19 7.43 -3.18
N LYS A 20 -1.15 8.36 -3.07
CA LYS A 20 -1.02 9.65 -3.74
C LYS A 20 0.14 10.55 -3.26
N ASP A 21 0.61 10.37 -2.04
CA ASP A 21 1.72 11.18 -1.53
C ASP A 21 3.07 10.59 -1.88
N LEU A 22 3.07 9.32 -2.25
CA LEU A 22 4.30 8.58 -2.48
C LEU A 22 4.67 8.57 -3.96
N ILE A 23 3.64 8.44 -4.80
CA ILE A 23 3.81 8.33 -6.23
C ILE A 23 3.03 9.44 -6.92
N ASN A 24 3.65 10.07 -7.93
CA ASN A 24 2.95 11.01 -8.82
C ASN A 24 2.22 10.29 -9.94
N GLU A 25 2.89 9.32 -10.55
CA GLU A 25 2.40 8.65 -11.76
C GLU A 25 2.79 7.20 -11.71
N ALA A 26 1.91 6.32 -12.17
CA ALA A 26 2.12 4.89 -12.04
C ALA A 26 1.25 4.13 -13.04
N CYS A 27 1.70 2.93 -13.37
CA CYS A 27 1.05 2.10 -14.37
C CYS A 27 0.18 1.09 -13.64
N TRP A 28 -1.09 1.04 -14.03
CA TRP A 28 -2.02 0.04 -13.53
C TRP A 28 -2.05 -1.07 -14.50
N ASP A 29 -1.43 -2.20 -14.13
CA ASP A 29 -1.39 -3.40 -14.99
C ASP A 29 -2.68 -4.19 -14.80
N ILE A 30 -3.52 -4.16 -15.83
CA ILE A 30 -4.81 -4.84 -15.80
C ILE A 30 -4.70 -6.11 -16.62
N SER A 31 -5.15 -7.23 -16.05
CA SER A 31 -5.09 -8.53 -16.69
C SER A 31 -6.21 -9.41 -16.17
N SER A 32 -6.32 -10.62 -16.73
CA SER A 32 -7.42 -11.53 -16.36
C SER A 32 -7.39 -11.85 -14.86
N SER A 33 -6.18 -11.97 -14.32
CA SER A 33 -5.98 -12.33 -12.92
C SER A 33 -6.34 -11.19 -11.94
N GLY A 34 -6.19 -9.95 -12.37
CA GLY A 34 -6.65 -8.81 -11.58
C GLY A 34 -5.94 -7.51 -11.87
N VAL A 35 -5.95 -6.62 -10.88
CA VAL A 35 -5.34 -5.30 -11.01
C VAL A 35 -4.07 -5.28 -10.19
N ASN A 36 -2.98 -4.88 -10.83
CA ASN A 36 -1.68 -4.80 -10.17
C ASN A 36 -1.06 -3.45 -10.45
N LEU A 37 -0.45 -2.87 -9.43
CA LEU A 37 0.35 -1.68 -9.60
C LEU A 37 1.70 -1.93 -8.97
N GLN A 38 2.73 -1.47 -9.66
CA GLN A 38 4.09 -1.53 -9.14
C GLN A 38 4.77 -0.23 -9.49
N SER A 39 5.34 0.47 -8.50
CA SER A 39 6.09 1.69 -8.80
C SER A 39 7.07 2.05 -7.71
N MET A 40 8.22 2.58 -8.12
CA MET A 40 9.11 3.30 -7.21
C MET A 40 8.39 4.59 -6.81
N ASP A 41 8.62 5.05 -5.60
CA ASP A 41 8.07 6.34 -5.17
C ASP A 41 8.79 7.46 -5.94
N SER A 42 8.32 8.70 -5.78
CA SER A 42 8.81 9.82 -6.59
C SER A 42 10.24 10.22 -6.26
N SER A 43 10.74 9.79 -5.10
CA SER A 43 12.12 10.00 -4.71
C SER A 43 13.03 8.82 -5.08
N HIS A 44 12.44 7.78 -5.70
CA HIS A 44 13.15 6.57 -6.08
C HIS A 44 13.77 5.84 -4.92
N VAL A 45 13.13 5.88 -3.74
CA VAL A 45 13.65 5.19 -2.56
C VAL A 45 12.95 3.86 -2.29
N SER A 46 11.64 3.91 -2.06
CA SER A 46 10.82 2.74 -1.77
C SER A 46 10.07 2.24 -3.01
N LEU A 47 9.67 0.97 -2.98
CA LEU A 47 8.88 0.37 -4.04
C LEU A 47 7.55 0.03 -3.41
N VAL A 48 6.46 0.35 -4.11
CA VAL A 48 5.10 0.06 -3.64
C VAL A 48 4.52 -0.95 -4.60
N GLN A 49 3.83 -1.95 -4.07
CA GLN A 49 3.17 -2.95 -4.90
C GLN A 49 1.77 -3.24 -4.38
N LEU A 50 0.81 -3.09 -5.28
CA LEU A 50 -0.62 -3.29 -4.98
C LEU A 50 -1.12 -4.48 -5.77
N THR A 51 -1.83 -5.38 -5.10
CA THR A 51 -2.50 -6.48 -5.76
C THR A 51 -3.96 -6.46 -5.38
N LEU A 52 -4.80 -6.45 -6.40
CA LEU A 52 -6.26 -6.60 -6.25
C LEU A 52 -6.69 -7.72 -7.21
N ARG A 53 -7.02 -8.88 -6.65
CA ARG A 53 -7.30 -10.07 -7.45
C ARG A 53 -8.69 -9.97 -8.09
N SER A 54 -8.80 -10.48 -9.33
CA SER A 54 -10.08 -10.47 -10.06
C SER A 54 -11.22 -11.02 -9.21
N GLU A 55 -10.93 -12.04 -8.42
CA GLU A 55 -11.91 -12.70 -7.54
C GLU A 55 -12.50 -11.84 -6.42
N GLY A 56 -11.90 -10.68 -6.11
CA GLY A 56 -12.38 -9.82 -5.03
C GLY A 56 -13.34 -8.77 -5.54
N PHE A 57 -13.45 -8.70 -6.86
CA PHE A 57 -14.41 -7.83 -7.50
C PHE A 57 -15.72 -8.59 -7.63
N ASP A 58 -16.81 -7.85 -7.64
CA ASP A 58 -18.15 -8.42 -7.75
C ASP A 58 -18.46 -8.81 -9.21
N THR A 59 -17.98 -8.01 -10.17
CA THR A 59 -17.83 -8.47 -11.55
C THR A 59 -16.48 -8.06 -12.06
N TYR A 60 -15.94 -8.86 -12.98
CA TYR A 60 -14.63 -8.60 -13.54
C TYR A 60 -14.48 -9.19 -14.95
N ARG A 61 -13.91 -8.39 -15.83
CA ARG A 61 -13.74 -8.77 -17.21
C ARG A 61 -12.55 -8.01 -17.77
N CYS A 62 -11.63 -8.73 -18.40
CA CYS A 62 -10.51 -8.10 -19.09
C CYS A 62 -10.15 -8.85 -20.38
N ASP A 63 -10.58 -8.30 -21.52
CA ASP A 63 -10.38 -8.95 -22.82
C ASP A 63 -8.89 -8.94 -23.19
N ARG A 64 -8.26 -7.78 -23.10
CA ARG A 64 -6.85 -7.66 -23.40
C ARG A 64 -6.11 -6.96 -22.25
N ASN A 65 -4.89 -7.42 -21.96
CA ASN A 65 -4.04 -6.82 -20.93
C ASN A 65 -3.77 -5.33 -21.24
N LEU A 66 -3.98 -4.46 -20.24
CA LEU A 66 -3.77 -3.01 -20.38
C LEU A 66 -2.72 -2.50 -19.39
N ALA A 67 -1.86 -1.60 -19.84
CA ALA A 67 -1.04 -0.80 -18.93
C ALA A 67 -1.63 0.60 -18.90
N MET A 68 -2.40 0.93 -17.86
CA MET A 68 -3.02 2.27 -17.75
C MET A 68 -2.14 3.26 -17.00
N GLY A 69 -1.62 4.24 -17.73
CA GLY A 69 -0.80 5.30 -17.15
C GLY A 69 -1.69 6.31 -16.45
N VAL A 70 -1.50 6.46 -15.16
CA VAL A 70 -2.40 7.26 -14.33
C VAL A 70 -1.62 8.29 -13.53
N ASN A 71 -2.06 9.54 -13.60
CA ASN A 71 -1.66 10.53 -12.61
C ASN A 71 -2.43 10.22 -11.34
N LEU A 72 -1.74 9.90 -10.25
CA LEU A 72 -2.43 9.42 -9.04
C LEU A 72 -3.14 10.55 -8.28
N THR A 73 -2.62 11.77 -8.39
CA THR A 73 -3.28 12.93 -7.79
C THR A 73 -4.64 13.14 -8.45
N SER A 74 -4.69 13.08 -9.78
CA SER A 74 -5.93 13.21 -10.50
C SER A 74 -6.93 12.13 -10.10
N MET A 75 -6.48 10.88 -10.07
CA MET A 75 -7.37 9.79 -9.73
C MET A 75 -7.85 9.95 -8.29
N SER A 76 -6.96 10.39 -7.42
CA SER A 76 -7.31 10.68 -6.04
C SER A 76 -8.42 11.72 -5.95
N LYS A 77 -8.30 12.79 -6.76
CA LYS A 77 -9.32 13.83 -6.79
C LYS A 77 -10.70 13.32 -7.22
N ILE A 78 -10.73 12.44 -8.23
CA ILE A 78 -11.97 11.82 -8.70
C ILE A 78 -12.56 10.88 -7.64
N LEU A 79 -11.72 10.03 -7.04
CA LEU A 79 -12.18 9.13 -5.98
C LEU A 79 -12.70 9.84 -4.71
N LYS A 80 -12.24 11.08 -4.46
CA LYS A 80 -12.81 11.89 -3.40
C LYS A 80 -14.26 12.28 -3.70
N CYS A 81 -14.68 12.20 -4.96
CA CYS A 81 -16.09 12.41 -5.32
C CYS A 81 -16.98 11.18 -5.11
N ALA A 82 -16.40 10.05 -4.72
CA ALA A 82 -17.20 8.88 -4.36
C ALA A 82 -17.49 8.92 -2.87
N GLY A 83 -18.72 8.54 -2.50
CA GLY A 83 -19.04 8.34 -1.08
C GLY A 83 -18.44 7.02 -0.57
N ASN A 84 -18.33 6.87 0.75
CA ASN A 84 -17.78 5.63 1.34
C ASN A 84 -18.67 4.39 1.17
N GLU A 85 -19.97 4.60 0.88
CA GLU A 85 -20.94 3.54 0.64
C GLU A 85 -21.11 3.20 -0.84
N ASP A 86 -20.33 3.87 -1.71
CA ASP A 86 -20.56 3.78 -3.14
C ASP A 86 -20.10 2.45 -3.76
N ILE A 87 -20.90 1.97 -4.72
CA ILE A 87 -20.49 0.91 -5.62
C ILE A 87 -19.63 1.58 -6.70
N ILE A 88 -18.43 1.07 -6.94
CA ILE A 88 -17.55 1.71 -7.92
C ILE A 88 -17.19 0.77 -9.07
N THR A 89 -17.45 1.24 -10.29
CA THR A 89 -17.09 0.49 -11.47
C THR A 89 -15.98 1.22 -12.22
N LEU A 90 -14.97 0.47 -12.63
CA LEU A 90 -13.91 0.98 -13.49
C LEU A 90 -14.16 0.38 -14.86
N ARG A 91 -13.89 1.16 -15.90
CA ARG A 91 -14.19 0.75 -17.27
C ARG A 91 -13.20 1.43 -18.21
N ALA A 92 -12.54 0.67 -19.07
CA ALA A 92 -11.68 1.22 -20.11
C ALA A 92 -11.76 0.38 -21.38
N GLU A 93 -11.80 1.05 -22.54
CA GLU A 93 -11.88 0.35 -23.83
C GLU A 93 -10.51 -0.22 -24.21
N ASP A 94 -10.48 -1.06 -25.23
CA ASP A 94 -9.20 -1.63 -25.68
C ASP A 94 -8.35 -0.53 -26.33
N ASN A 95 -7.06 -0.54 -26.02
CA ASN A 95 -6.15 0.55 -26.34
C ASN A 95 -6.74 1.88 -25.84
N ALA A 96 -7.08 1.91 -24.54
CA ALA A 96 -7.81 3.02 -23.93
C ALA A 96 -6.98 4.28 -23.85
N ASP A 97 -7.60 5.43 -24.10
CA ASP A 97 -6.96 6.70 -23.80
C ASP A 97 -7.56 7.36 -22.54
N THR A 98 -8.68 6.85 -22.06
CA THR A 98 -9.33 7.33 -20.83
C THR A 98 -9.76 6.17 -19.95
N LEU A 99 -9.91 6.43 -18.66
CA LEU A 99 -10.50 5.47 -17.73
C LEU A 99 -11.79 6.07 -17.25
N ALA A 100 -12.86 5.29 -17.34
CA ALA A 100 -14.15 5.69 -16.84
C ALA A 100 -14.26 5.22 -15.40
N LEU A 101 -14.87 6.03 -14.54
CA LEU A 101 -15.20 5.59 -13.19
C LEU A 101 -16.65 5.99 -12.91
N VAL A 102 -17.48 5.01 -12.55
CA VAL A 102 -18.90 5.25 -12.25
C VAL A 102 -19.14 4.98 -10.78
N PHE A 103 -19.75 5.94 -10.09
CA PHE A 103 -20.08 5.77 -8.69
C PHE A 103 -21.58 5.73 -8.56
N GLU A 104 -22.10 4.75 -7.83
CA GLU A 104 -23.55 4.68 -7.56
C GLU A 104 -23.84 4.15 -6.19
N ALA A 105 -25.06 4.41 -5.75
CA ALA A 105 -25.59 3.81 -4.51
C ALA A 105 -26.68 2.81 -4.86
N PRO A 106 -26.98 1.88 -3.93
CA PRO A 106 -28.09 0.96 -4.12
C PRO A 106 -29.39 1.63 -4.56
N ASN A 107 -29.75 2.78 -3.96
CA ASN A 107 -31.03 3.43 -4.29
C ASN A 107 -31.05 4.18 -5.62
N GLN A 108 -29.88 4.28 -6.28
CA GLN A 108 -29.75 4.89 -7.63
C GLN A 108 -30.25 6.34 -7.74
N GLU A 109 -30.32 7.07 -6.62
CA GLU A 109 -30.81 8.46 -6.65
C GLU A 109 -29.73 9.43 -7.09
N LYS A 110 -28.48 9.03 -6.92
CA LYS A 110 -27.34 9.79 -7.33
C LYS A 110 -26.41 8.85 -8.06
N VAL A 111 -26.13 9.14 -9.33
CA VAL A 111 -25.14 8.41 -10.11
C VAL A 111 -24.15 9.42 -10.67
N SER A 112 -22.87 9.16 -10.44
CA SER A 112 -21.81 10.00 -10.95
C SER A 112 -20.97 9.20 -11.92
N ASP A 113 -20.52 9.85 -12.98
CA ASP A 113 -19.55 9.23 -13.83
C ASP A 113 -18.46 10.21 -14.17
N TYR A 114 -17.23 9.72 -14.08
CA TYR A 114 -16.05 10.51 -14.33
C TYR A 114 -15.25 9.85 -15.41
N GLU A 115 -14.49 10.68 -16.10
CA GLU A 115 -13.61 10.22 -17.13
C GLU A 115 -12.26 10.86 -16.83
N MET A 116 -11.24 10.03 -16.75
CA MET A 116 -9.90 10.48 -16.43
C MET A 116 -9.01 10.26 -17.61
N LYS A 117 -8.33 11.32 -18.04
CA LYS A 117 -7.31 11.21 -19.07
C LYS A 117 -6.18 10.32 -18.58
N LEU A 118 -5.78 9.36 -19.41
CA LEU A 118 -4.64 8.52 -19.11
C LEU A 118 -3.36 9.18 -19.60
N MET A 119 -2.24 8.68 -19.14
CA MET A 119 -0.95 9.20 -19.54
C MET A 119 -0.21 8.14 -20.31
N ASP A 120 0.78 8.58 -21.10
CA ASP A 120 1.65 7.66 -21.79
C ASP A 120 2.89 7.44 -20.92
N LEU A 121 3.01 6.23 -20.40
CA LEU A 121 4.16 5.84 -19.58
C LEU A 121 4.64 4.47 -20.03
N ASP A 122 5.74 4.44 -20.76
CA ASP A 122 6.34 3.18 -21.18
C ASP A 122 7.28 2.71 -20.09
N VAL A 123 6.73 2.44 -18.91
CA VAL A 123 7.52 1.96 -17.78
C VAL A 123 7.68 0.45 -17.92
N GLU A 124 8.84 -0.05 -17.49
CA GLU A 124 9.10 -1.46 -17.54
C GLU A 124 8.66 -2.11 -16.23
N GLN A 125 8.30 -3.39 -16.30
CA GLN A 125 7.95 -4.18 -15.12
C GLN A 125 9.25 -4.57 -14.40
N LEU A 126 9.39 -4.16 -13.13
CA LEU A 126 10.54 -4.56 -12.29
C LEU A 126 10.29 -5.91 -11.64
N GLY A 127 11.34 -6.74 -11.59
CA GLY A 127 11.27 -8.01 -10.87
C GLY A 127 11.48 -7.78 -9.38
N ILE A 128 10.50 -8.21 -8.59
CA ILE A 128 10.57 -8.16 -7.13
C ILE A 128 10.99 -9.55 -6.66
N PRO A 129 12.25 -9.69 -6.19
CA PRO A 129 12.70 -11.02 -5.78
C PRO A 129 11.99 -11.53 -4.52
N GLU A 130 11.94 -12.85 -4.39
CA GLU A 130 11.47 -13.48 -3.15
C GLU A 130 12.66 -13.63 -2.22
N GLN A 131 12.42 -13.50 -0.93
CA GLN A 131 13.48 -13.58 0.08
C GLN A 131 13.02 -14.44 1.27
N GLU A 132 13.99 -14.93 2.03
CA GLU A 132 13.73 -15.64 3.25
C GLU A 132 13.79 -14.65 4.39
N TYR A 133 12.65 -14.38 4.99
CA TYR A 133 12.60 -13.39 6.05
C TYR A 133 12.79 -14.07 7.38
N SER A 134 13.95 -13.81 8.00
CA SER A 134 14.26 -14.45 9.27
C SER A 134 13.44 -13.89 10.42
N CYS A 135 12.54 -12.95 10.14
CA CYS A 135 11.79 -12.32 11.20
C CYS A 135 10.55 -11.65 10.65
N VAL A 136 9.38 -12.02 11.18
CA VAL A 136 8.09 -11.49 10.71
C VAL A 136 7.25 -11.06 11.91
N VAL A 137 6.92 -9.77 11.99
CA VAL A 137 6.16 -9.22 13.10
C VAL A 137 4.78 -8.81 12.63
N LYS A 138 3.75 -9.38 13.25
CA LYS A 138 2.37 -8.94 13.04
C LYS A 138 1.91 -8.12 14.26
N MET A 139 1.40 -6.92 14.02
CA MET A 139 0.95 -6.07 15.10
C MET A 139 -0.20 -5.18 14.65
N PRO A 140 -0.88 -4.51 15.60
CA PRO A 140 -1.94 -3.59 15.22
C PRO A 140 -1.42 -2.43 14.38
N SER A 141 -2.08 -2.17 13.26
CA SER A 141 -1.61 -1.16 12.34
C SER A 141 -1.57 0.21 12.96
N GLY A 142 -2.52 0.50 13.85
CA GLY A 142 -2.56 1.78 14.53
C GLY A 142 -1.41 2.00 15.49
N GLU A 143 -0.94 0.93 16.11
CA GLU A 143 0.17 1.07 17.06
C GLU A 143 1.45 1.32 16.27
N PHE A 144 1.60 0.65 15.13
CA PHE A 144 2.73 0.91 14.23
C PHE A 144 2.75 2.38 13.81
N ALA A 145 1.62 2.87 13.32
CA ALA A 145 1.47 4.31 12.95
C ALA A 145 1.86 5.23 14.10
N ARG A 146 1.36 4.95 15.30
CA ARG A 146 1.67 5.75 16.49
C ARG A 146 3.18 5.82 16.76
N ILE A 147 3.81 4.65 16.76
CA ILE A 147 5.25 4.56 17.02
C ILE A 147 6.06 5.34 16.01
N CYS A 148 5.76 5.17 14.73
CA CYS A 148 6.52 5.88 13.71
C CYS A 148 6.33 7.41 13.83
N ARG A 149 5.11 7.85 14.10
CA ARG A 149 4.85 9.27 14.26
C ARG A 149 5.58 9.81 15.48
N ASP A 150 5.43 9.15 16.62
CA ASP A 150 6.05 9.60 17.86
C ASP A 150 7.58 9.67 17.76
N LEU A 151 8.18 8.60 17.28
CA LEU A 151 9.65 8.50 17.20
C LEU A 151 10.25 9.49 16.21
N SER A 152 9.46 9.92 15.23
CA SER A 152 9.97 10.91 14.27
C SER A 152 10.07 12.32 14.86
N HIS A 153 9.49 12.54 16.03
CA HIS A 153 9.78 13.74 16.81
C HIS A 153 11.12 13.67 17.53
N ILE A 154 11.72 12.48 17.60
CA ILE A 154 12.99 12.29 18.32
C ILE A 154 14.19 12.26 17.35
N GLY A 155 14.06 11.50 16.26
CA GLY A 155 15.10 11.43 15.23
C GLY A 155 14.52 11.09 13.88
N ASP A 156 15.39 10.88 12.90
CA ASP A 156 14.97 10.67 11.50
C ASP A 156 14.92 9.20 11.14
N ALA A 157 15.48 8.36 12.01
CA ALA A 157 15.66 6.95 11.70
C ALA A 157 15.15 6.13 12.86
N VAL A 158 14.63 4.94 12.58
CA VAL A 158 14.25 4.01 13.64
C VAL A 158 15.01 2.69 13.53
N VAL A 159 15.64 2.29 14.63
CA VAL A 159 16.26 0.99 14.74
C VAL A 159 15.16 0.02 15.17
N ILE A 160 14.87 -0.97 14.34
CA ILE A 160 13.93 -2.03 14.71
C ILE A 160 14.75 -3.27 15.13
N SER A 161 14.62 -3.67 16.39
CA SER A 161 15.32 -4.85 16.92
C SER A 161 14.26 -5.86 17.28
N CYS A 162 14.44 -7.07 16.79
CA CYS A 162 13.45 -8.09 16.99
C CYS A 162 14.08 -9.33 17.58
N ALA A 163 13.39 -9.87 18.59
CA ALA A 163 13.76 -11.13 19.22
C ALA A 163 12.48 -11.88 19.54
N LYS A 164 12.65 -13.16 19.88
CA LYS A 164 11.56 -14.08 20.23
C LYS A 164 10.51 -13.43 21.12
N ASP A 165 10.98 -12.83 22.21
CA ASP A 165 10.14 -12.27 23.27
C ASP A 165 9.44 -10.96 22.89
N GLY A 166 10.09 -10.11 22.10
CA GLY A 166 9.49 -8.84 21.74
C GLY A 166 10.24 -8.04 20.70
N VAL A 167 9.63 -6.90 20.37
CA VAL A 167 10.13 -6.04 19.32
C VAL A 167 10.35 -4.64 19.94
N LYS A 168 11.45 -4.01 19.56
CA LYS A 168 11.82 -2.71 20.08
C LYS A 168 12.03 -1.75 18.92
N PHE A 169 11.54 -0.52 19.09
CA PHE A 169 11.76 0.58 18.13
C PHE A 169 12.52 1.70 18.84
N SER A 170 13.68 2.08 18.31
CA SER A 170 14.51 3.10 18.95
C SER A 170 14.83 4.24 18.00
N ALA A 171 14.99 5.43 18.56
CA ALA A 171 15.39 6.58 17.75
C ALA A 171 16.28 7.50 18.56
N SER A 172 17.16 8.23 17.89
CA SER A 172 18.00 9.21 18.57
C SER A 172 18.20 10.41 17.69
N GLY A 173 18.35 11.56 18.31
CA GLY A 173 18.58 12.80 17.59
C GLY A 173 19.18 13.82 18.51
N GLU A 174 19.12 15.08 18.07
CA GLU A 174 19.64 16.20 18.85
C GLU A 174 19.19 16.15 20.31
N LEU A 175 17.87 16.02 20.53
CA LEU A 175 17.28 16.23 21.87
C LEU A 175 17.61 15.09 22.84
N GLY A 176 17.80 13.91 22.28
CA GLY A 176 18.21 12.75 23.04
C GLY A 176 17.73 11.51 22.32
N ASN A 177 17.23 10.55 23.07
CA ASN A 177 16.82 9.31 22.44
C ASN A 177 15.71 8.64 23.19
N GLY A 178 15.15 7.63 22.55
CA GLY A 178 14.05 6.90 23.11
C GLY A 178 13.93 5.51 22.51
N ASN A 179 13.35 4.60 23.27
CA ASN A 179 12.95 3.33 22.72
C ASN A 179 11.65 2.79 23.29
N ILE A 180 10.96 2.07 22.44
CA ILE A 180 9.61 1.64 22.67
C ILE A 180 9.63 0.13 22.53
N LYS A 181 9.34 -0.57 23.63
CA LYS A 181 9.34 -2.03 23.68
C LYS A 181 7.93 -2.58 23.69
N LEU A 182 7.61 -3.41 22.70
CA LEU A 182 6.36 -4.16 22.65
C LEU A 182 6.64 -5.63 22.92
N SER A 183 5.97 -6.22 23.90
CA SER A 183 6.14 -7.67 24.09
C SER A 183 5.11 -8.43 23.23
N GLN A 184 5.44 -9.67 22.91
CA GLN A 184 4.53 -10.58 22.23
C GLN A 184 3.35 -10.85 23.18
N THR A 185 2.13 -10.83 22.65
CA THR A 185 0.91 -11.01 23.44
C THR A 185 0.66 -12.48 23.76
N GLU A 193 -6.12 -6.54 19.46
CA GLU A 193 -5.22 -7.14 18.47
C GLU A 193 -3.83 -7.44 19.07
N ALA A 194 -3.26 -8.56 18.67
CA ALA A 194 -2.03 -9.07 19.26
C ALA A 194 -0.77 -8.55 18.58
N VAL A 195 0.35 -8.80 19.24
CA VAL A 195 1.64 -8.67 18.63
C VAL A 195 2.20 -10.07 18.56
N THR A 196 2.43 -10.57 17.35
CA THR A 196 2.96 -11.91 17.13
C THR A 196 4.26 -11.83 16.34
N ILE A 197 5.25 -12.64 16.74
CA ILE A 197 6.55 -12.67 16.08
C ILE A 197 6.90 -14.09 15.66
N GLU A 198 7.18 -14.29 14.38
CA GLU A 198 7.69 -15.57 13.86
C GLU A 198 9.11 -15.35 13.40
N MET A 199 10.09 -15.83 14.19
CA MET A 199 11.48 -15.51 13.89
C MET A 199 12.45 -16.68 14.00
N ASN A 200 13.37 -16.73 13.04
CA ASN A 200 14.41 -17.75 12.94
C ASN A 200 15.72 -17.23 13.51
N GLU A 201 16.01 -15.96 13.25
CA GLU A 201 17.21 -15.31 13.75
C GLU A 201 16.87 -13.87 14.15
N PRO A 202 17.45 -13.35 15.25
CA PRO A 202 17.21 -11.94 15.61
C PRO A 202 17.75 -10.97 14.56
N VAL A 203 17.02 -9.87 14.33
CA VAL A 203 17.45 -8.81 13.43
C VAL A 203 17.49 -7.47 14.14
N GLN A 204 18.40 -6.62 13.70
CA GLN A 204 18.49 -5.26 14.16
C GLN A 204 18.76 -4.44 12.92
N LEU A 205 17.76 -3.67 12.48
CA LEU A 205 17.83 -2.96 11.22
C LEU A 205 17.35 -1.51 11.38
N THR A 206 17.91 -0.62 10.58
CA THR A 206 17.61 0.80 10.68
C THR A 206 16.88 1.30 9.43
N PHE A 207 15.83 2.10 9.63
CA PHE A 207 14.97 2.58 8.55
C PHE A 207 14.62 4.07 8.65
N ALA A 208 14.47 4.74 7.51
CA ALA A 208 14.05 6.15 7.50
C ALA A 208 12.59 6.30 7.88
N LEU A 209 12.35 7.07 8.94
CA LEU A 209 10.99 7.30 9.44
C LEU A 209 10.11 8.05 8.45
N ARG A 210 10.73 8.88 7.62
CA ARG A 210 9.99 9.66 6.65
C ARG A 210 9.21 8.74 5.75
N TYR A 211 9.81 7.61 5.38
CA TYR A 211 9.17 6.71 4.44
C TYR A 211 8.17 5.83 5.14
N LEU A 212 8.51 5.34 6.33
CA LEU A 212 7.52 4.58 7.13
C LEU A 212 6.24 5.40 7.37
N ASN A 213 6.38 6.69 7.68
CA ASN A 213 5.22 7.56 7.87
C ASN A 213 4.43 7.79 6.58
N PHE A 214 5.03 7.56 5.41
CA PHE A 214 4.23 7.49 4.20
C PHE A 214 3.47 6.17 4.10
N PHE A 215 4.11 5.06 4.49
CA PHE A 215 3.47 3.76 4.35
C PHE A 215 2.23 3.67 5.23
N THR A 216 2.25 4.33 6.37
CA THR A 216 1.19 4.16 7.36
C THR A 216 -0.11 4.86 6.93
N LYS A 217 -0.07 5.56 5.80
CA LYS A 217 -1.29 6.12 5.20
C LYS A 217 -2.18 4.98 4.71
N ALA A 218 -1.64 3.78 4.65
CA ALA A 218 -2.42 2.60 4.30
C ALA A 218 -3.19 2.04 5.48
N THR A 219 -3.03 2.65 6.66
CA THR A 219 -3.60 2.10 7.89
C THR A 219 -5.09 1.76 7.79
N PRO A 220 -5.89 2.59 7.12
CA PRO A 220 -7.32 2.27 7.08
C PRO A 220 -7.67 0.97 6.35
N LEU A 221 -6.77 0.42 5.54
CA LEU A 221 -7.07 -0.80 4.80
C LEU A 221 -7.09 -2.05 5.71
N SER A 222 -6.50 -1.95 6.90
CA SER A 222 -6.39 -3.09 7.78
C SER A 222 -6.08 -2.71 9.21
N SER A 223 -6.58 -3.50 10.15
CA SER A 223 -6.32 -3.27 11.56
C SER A 223 -4.99 -3.93 11.96
N THR A 224 -4.41 -4.68 11.02
CA THR A 224 -3.17 -5.39 11.22
C THR A 224 -2.15 -4.97 10.16
N VAL A 225 -0.88 -4.89 10.55
CA VAL A 225 0.24 -4.73 9.61
C VAL A 225 1.24 -5.84 9.86
N THR A 226 1.87 -6.32 8.79
CA THR A 226 2.94 -7.30 8.87
C THR A 226 4.25 -6.68 8.41
N LEU A 227 5.24 -6.72 9.29
CA LEU A 227 6.60 -6.27 9.02
C LEU A 227 7.47 -7.50 8.79
N SER A 228 8.06 -7.64 7.61
CA SER A 228 8.95 -8.77 7.33
C SER A 228 10.35 -8.22 7.14
N MET A 229 11.30 -8.76 7.88
CA MET A 229 12.65 -8.25 7.77
C MET A 229 13.70 -9.31 7.92
N SER A 230 14.81 -9.05 7.25
CA SER A 230 15.97 -9.90 7.29
C SER A 230 17.16 -9.00 7.03
N ALA A 231 18.35 -9.42 7.49
CA ALA A 231 19.59 -8.71 7.17
C ALA A 231 19.74 -8.60 5.65
N ASP A 232 20.22 -7.46 5.18
CA ASP A 232 20.59 -7.27 3.77
C ASP A 232 19.50 -7.34 2.69
N VAL A 233 18.22 -7.33 3.09
CA VAL A 233 17.10 -7.14 2.15
C VAL A 233 16.13 -6.06 2.66
N PRO A 234 15.33 -5.47 1.76
CA PRO A 234 14.32 -4.50 2.20
C PRO A 234 13.35 -5.02 3.24
N LEU A 235 12.95 -4.12 4.12
CA LEU A 235 11.82 -4.34 4.97
C LEU A 235 10.59 -4.39 4.07
N VAL A 236 9.66 -5.28 4.36
CA VAL A 236 8.33 -5.28 3.73
C VAL A 236 7.26 -4.90 4.75
N VAL A 237 6.52 -3.83 4.47
CA VAL A 237 5.39 -3.43 5.32
C VAL A 237 4.14 -3.75 4.53
N GLU A 238 3.31 -4.66 5.07
CA GLU A 238 2.23 -5.30 4.30
C GLU A 238 0.88 -5.04 4.98
N TYR A 239 -0.05 -4.49 4.21
CA TYR A 239 -1.43 -4.27 4.66
C TYR A 239 -2.33 -5.16 3.82
N LYS A 240 -3.06 -6.07 4.45
CA LYS A 240 -3.99 -6.94 3.73
C LYS A 240 -5.22 -6.17 3.31
N ILE A 241 -5.69 -6.43 2.10
CA ILE A 241 -6.94 -5.83 1.60
C ILE A 241 -7.91 -7.00 1.51
N ALA A 242 -8.77 -7.08 2.52
CA ALA A 242 -9.52 -8.28 2.86
C ALA A 242 -10.18 -8.94 1.66
N ASP A 243 -9.96 -10.24 1.48
CA ASP A 243 -10.63 -11.02 0.43
C ASP A 243 -10.36 -10.47 -0.96
N MET A 244 -9.14 -9.97 -1.19
CA MET A 244 -8.89 -9.23 -2.41
C MET A 244 -7.42 -9.15 -2.78
N GLY A 245 -6.57 -8.85 -1.80
CA GLY A 245 -5.14 -8.84 -2.03
C GLY A 245 -4.37 -8.00 -1.02
N HIS A 246 -3.51 -7.11 -1.51
CA HIS A 246 -2.63 -6.40 -0.58
C HIS A 246 -2.04 -5.17 -1.14
N LEU A 247 -1.50 -4.38 -0.22
CA LEU A 247 -0.58 -3.30 -0.53
C LEU A 247 0.70 -3.54 0.27
N LYS A 248 1.81 -3.64 -0.44
CA LYS A 248 3.12 -3.87 0.17
C LYS A 248 4.04 -2.69 -0.14
N TYR A 249 4.79 -2.27 0.86
CA TYR A 249 5.82 -1.24 0.69
C TYR A 249 7.18 -1.84 1.05
N TYR A 250 8.18 -1.60 0.21
CA TYR A 250 9.52 -2.11 0.44
C TYR A 250 10.51 -0.98 0.67
N LEU A 251 11.31 -1.09 1.75
CA LEU A 251 12.23 -0.06 2.16
C LEU A 251 13.56 -0.65 2.59
N ALA A 252 14.63 -0.28 1.87
CA ALA A 252 15.97 -0.78 2.15
C ALA A 252 16.39 -0.21 3.50
N PRO A 253 17.03 -1.05 4.33
CA PRO A 253 17.58 -0.45 5.54
C PRO A 253 18.63 0.63 5.24
N LYS A 254 18.92 1.49 6.22
CA LYS A 254 20.04 2.44 6.09
C LYS A 254 21.33 1.67 6.34
N ILE A 255 22.33 1.87 5.47
CA ILE A 255 23.54 1.04 5.50
C ILE A 255 24.72 1.85 5.99
C1 T3 B . 15.06 -0.98 -6.28
C2 T3 B . 12.69 -4.62 -3.86
C3 T3 B . 14.67 -0.74 -4.96
C4 T3 B . 14.05 -4.97 -3.90
C5 T3 B . 13.72 -1.52 -4.31
C6 T3 B . 14.50 -6.08 -3.19
C7 T3 B . 13.15 -2.67 -5.06
C8 T3 B . 13.53 -6.86 -2.41
C9 T3 B . 13.63 -2.91 -6.45
C10 T3 B . 12.20 -6.48 -2.39
C11 T3 B . 14.57 -2.07 -7.01
C12 T3 B . 11.78 -5.36 -3.12
C13 T3 B . 16.13 -0.15 -6.91
CA T3 B . 15.81 1.31 -7.15
C T3 B . 17.08 1.93 -7.70
I1 T3 B . 13.19 -1.03 -2.31
I2 T3 B . 16.52 -6.66 -3.20
I3 T3 B . 12.89 -4.50 -7.55
N T3 B . 14.71 1.39 -8.09
O1 T3 B . 13.96 -7.94 -1.71
O2 T3 B . 12.23 -3.53 -4.55
OXT T3 B . 18.18 1.50 -7.24
O T3 B . 17.01 2.80 -8.60
S SO4 C . -5.32 2.56 17.42
O1 SO4 C . -4.17 1.65 17.63
O2 SO4 C . -5.33 3.65 18.41
O3 SO4 C . -5.26 3.17 16.07
O4 SO4 C . -6.59 1.79 17.54
S SO4 D . 16.14 -4.13 25.66
O1 SO4 D . 17.20 -5.04 26.14
O2 SO4 D . 16.63 -2.74 25.64
O3 SO4 D . 15.74 -4.55 24.29
O4 SO4 D . 14.96 -4.21 26.55
S SO4 E . -2.58 -11.84 -0.13
O1 SO4 E . -2.56 -13.16 0.53
O2 SO4 E . -1.66 -10.91 0.56
O3 SO4 E . -2.19 -11.97 -1.56
O4 SO4 E . -3.97 -11.31 -0.03
S SO4 F . -3.15 8.80 19.48
O1 SO4 F . -3.69 7.43 19.38
O2 SO4 F . -1.75 8.73 19.98
O3 SO4 F . -3.19 9.44 18.15
O4 SO4 F . -3.96 9.60 20.43
S SO4 G . 6.15 -10.70 1.53
O1 SO4 G . 7.09 -11.82 1.75
O2 SO4 G . 6.38 -9.66 2.57
O3 SO4 G . 6.37 -10.12 0.19
O4 SO4 G . 4.75 -11.18 1.66
S SO4 H . 1.24 -11.29 -6.19
O1 SO4 H . 2.10 -12.19 -5.37
O2 SO4 H . 1.12 -9.98 -5.51
O3 SO4 H . 1.86 -11.09 -7.52
O4 SO4 H . -0.10 -11.89 -6.35
CL CL I . 17.05 -2.41 -2.33
#